data_5J01
#
_entry.id   5J01
#
_cell.length_a   100.930
_cell.length_b   262.580
_cell.length_c   69.040
_cell.angle_alpha   90.000
_cell.angle_beta   90.000
_cell.angle_gamma   90.000
#
_symmetry.space_group_name_H-M   'P 21 21 2'
#
loop_
_entity.id
_entity.type
_entity.pdbx_description
1 polymer 'group II intron lariat'
2 non-polymer 'MAGNESIUM ION'
3 non-polymer 'AMMONIUM ION'
4 water water
#
_entity_poly.entity_id   1
_entity_poly.type   'polyribonucleotide'
_entity_poly.pdbx_seq_one_letter_code
;GUGUGCCCGGCAUGGGUGCAGUCUAUAGGGUGAGAGUCCCGAACUGUGAAGGCAGAAGUAACAGUUAGCCUAACGCAACU
GCGCCGUGGCGACAUGGCGUGGGAAGGAAGCGGACGGCAAACCUUCGGUCUGAGGAACACGAACUUCAUAUGAGGCUAGG
UAUCAAUGGAUGAGUUUGCAUAACAAAACAAAGUCCUUUCUGCCAAAGUUGGUACAGAGUAAAUGAAGCAGAUUGAUGAA
GGGAAAGACUGCAUUCUUACCCGGGGAGGUCUGGAAACAGAAGUCAGCAGAAGUCAUAGUACCCUGUUCGCAGGGGAAGG
ACGGAACAAGUAUGGCGUUCGCGCCUAAGCUUGAACCGCCGUAUACCGAACGGUACGUACGGUGGUGUGGCAGGGGCGCU
UCGGCCCCCUAUGCCGAU
;
_entity_poly.pdbx_strand_id   A
#